data_3DRO
#
_entry.id   3DRO
#
_cell.length_a   63.900
_cell.length_b   76.500
_cell.length_c   93.900
_cell.angle_alpha   90.00
_cell.angle_beta   90.00
_cell.angle_gamma   90.00
#
_symmetry.space_group_name_H-M   'P 21 21 21'
#
loop_
_entity.id
_entity.type
_entity.pdbx_description
1 polymer '2F5 Fab light chain'
2 polymer '2F5 Fab heavy chain'
3 polymer 'ELLELDKWASLWN gp41 peptide'
#
loop_
_entity_poly.entity_id
_entity_poly.type
_entity_poly.pdbx_seq_one_letter_code
_entity_poly.pdbx_strand_id
1 'polypeptide(L)'
;ALQLTQSPSSLSASVGDRITITCRASQGVTSALAWYRQKPGSPPQLLIYDASSLESGVPSRFSGSGSGTEFTLTISTLRP
EDFATYYCQQLHFYPHTFGGGTRVDVRRTVAAPSVFIFPPSDEQLKSGTASVVCLLNNFYPREAKVQWKVDNALQSGNSQ
ESVTEQDSKDSTYSLSSTLTLSKADYEKHKVYECEVTHQGLSSPVTKSFNRGEC
;
A
2 'polypeptide(L)'
;RITLKESGPPLVKPTQTLTLTCSFSGFSLSDFGVGVGWIRQPPGKALEWLAIIYSDDDKRYSPSLNTRLTITKDTSKNQV
VLVMTRVSPVDTATYFCAHRRGPTTLFGVPIARGPVNAMDVWGQGITVTISSTSTKGPSVFPLAPSSKSTAGGTAALGCL
VKDYFPEPVTVSWNSGALTSGVHTFPAVLQSSGLYSLSSVVTVPSSSLGTQTYTCNVNHKPSNTKVDKRVEPKSC
;
B
3 'polypeptide(L)' ELLELDKWASLWN P
#
# COMPACT_ATOMS: atom_id res chain seq x y z
N ALA A 1 13.88 11.82 14.22
CA ALA A 1 14.01 11.64 15.70
C ALA A 1 12.81 12.22 16.45
N LEU A 2 12.10 13.16 15.81
CA LEU A 2 10.93 13.72 16.45
C LEU A 2 9.78 12.76 16.30
N GLN A 3 9.68 11.82 17.24
CA GLN A 3 8.60 10.87 17.19
C GLN A 3 7.34 11.71 17.26
N LEU A 4 6.23 11.07 16.98
CA LEU A 4 4.94 11.73 16.91
C LEU A 4 4.21 10.51 16.41
N THR A 5 3.43 9.93 17.31
CA THR A 5 2.70 8.70 17.07
C THR A 5 1.21 8.90 17.22
N GLN A 6 0.56 9.07 16.08
CA GLN A 6 -0.87 9.31 15.93
C GLN A 6 -1.85 8.24 16.50
N SER A 7 -2.63 8.61 17.52
CA SER A 7 -3.53 7.65 18.18
C SER A 7 -4.58 6.93 17.30
N PRO A 8 -5.75 6.48 17.84
CA PRO A 8 -6.71 5.73 16.98
C PRO A 8 -6.14 5.50 15.60
N SER A 9 -5.63 4.28 15.37
CA SER A 9 -4.97 3.90 14.11
C SER A 9 -5.66 2.94 13.13
N SER A 10 -6.98 3.05 13.03
CA SER A 10 -7.80 2.26 12.13
C SER A 10 -9.23 2.33 12.59
N LEU A 11 -9.86 3.49 12.39
CA LEU A 11 -11.24 3.64 12.79
C LEU A 11 -12.09 2.69 12.00
N SER A 12 -13.32 2.59 12.42
CA SER A 12 -14.25 1.66 11.83
C SER A 12 -15.52 2.43 12.08
N ALA A 13 -15.98 3.20 11.09
CA ALA A 13 -17.20 4.01 11.26
C ALA A 13 -18.15 4.10 10.08
N SER A 14 -19.37 4.52 10.34
CA SER A 14 -20.34 4.63 9.27
C SER A 14 -20.43 6.07 8.79
N VAL A 15 -21.33 6.29 7.84
CA VAL A 15 -21.57 7.63 7.30
C VAL A 15 -22.48 8.31 8.31
N GLY A 16 -22.10 9.51 8.71
CA GLY A 16 -22.92 10.24 9.66
C GLY A 16 -22.36 10.16 11.06
N ASP A 17 -21.36 9.30 11.22
CA ASP A 17 -20.73 9.14 12.52
C ASP A 17 -19.86 10.36 12.76
N ARG A 18 -19.43 10.53 14.00
CA ARG A 18 -18.56 11.65 14.34
C ARG A 18 -17.37 11.06 15.07
N ILE A 19 -16.19 11.16 14.46
CA ILE A 19 -14.95 10.61 15.01
C ILE A 19 -13.85 11.67 15.25
N THR A 20 -13.01 11.42 16.25
CA THR A 20 -11.91 12.32 16.58
C THR A 20 -10.63 11.52 16.63
N ILE A 21 -9.71 11.83 15.72
CA ILE A 21 -8.45 11.13 15.66
C ILE A 21 -7.35 12.04 16.16
N THR A 22 -6.40 11.44 16.86
CA THR A 22 -5.29 12.21 17.45
C THR A 22 -3.89 11.93 16.88
N CYS A 23 -2.97 12.86 17.18
CA CYS A 23 -1.57 12.81 16.74
C CYS A 23 -0.73 13.38 17.89
N ARG A 24 0.04 12.51 18.53
CA ARG A 24 0.89 12.92 19.64
C ARG A 24 2.31 13.23 19.14
N ALA A 25 2.99 14.20 19.74
CA ALA A 25 4.35 14.55 19.34
C ALA A 25 5.29 14.39 20.54
N SER A 26 6.46 13.79 20.35
CA SER A 26 7.39 13.61 21.47
C SER A 26 7.99 14.91 21.96
N GLN A 27 8.01 15.93 21.11
CA GLN A 27 8.55 17.22 21.50
C GLN A 27 7.51 18.27 21.06
N GLY A 28 7.42 19.39 21.78
CA GLY A 28 6.45 20.41 21.41
C GLY A 28 6.73 20.94 20.02
N VAL A 29 5.70 21.09 19.20
CA VAL A 29 5.90 21.59 17.84
C VAL A 29 5.04 22.83 17.60
N THR A 30 5.00 23.74 18.58
CA THR A 30 4.19 24.94 18.46
C THR A 30 2.82 24.52 17.91
N SER A 31 2.46 25.05 16.75
CA SER A 31 1.19 24.72 16.09
C SER A 31 1.52 24.35 14.64
N ALA A 32 2.79 23.98 14.43
CA ALA A 32 3.28 23.61 13.11
C ALA A 32 2.90 22.19 12.75
N LEU A 33 1.61 21.87 12.82
CA LEU A 33 1.17 20.52 12.49
C LEU A 33 0.06 20.58 11.45
N ALA A 34 0.16 19.73 10.43
CA ALA A 34 -0.82 19.68 9.34
C ALA A 34 -1.53 18.33 9.24
N TRP A 35 -2.78 18.35 8.75
CA TRP A 35 -3.56 17.13 8.61
C TRP A 35 -3.94 16.85 7.17
N TYR A 36 -3.82 15.59 6.75
CA TYR A 36 -4.15 15.20 5.38
C TYR A 36 -5.06 13.98 5.31
N ARG A 37 -5.84 13.90 4.24
CA ARG A 37 -6.72 12.77 4.00
C ARG A 37 -6.29 12.21 2.65
N GLN A 38 -5.90 10.94 2.61
CA GLN A 38 -5.51 10.33 1.35
C GLN A 38 -6.55 9.26 1.03
N LYS A 39 -6.97 9.16 -0.21
CA LYS A 39 -7.96 8.16 -0.51
C LYS A 39 -7.48 7.26 -1.64
N PRO A 40 -7.10 6.02 -1.30
CA PRO A 40 -6.64 5.11 -2.33
C PRO A 40 -6.81 5.33 -3.79
N GLY A 41 -5.62 5.48 -4.32
CA GLY A 41 -5.39 5.71 -5.70
C GLY A 41 -4.46 6.89 -5.76
N SER A 42 -4.68 7.90 -4.94
CA SER A 42 -3.87 9.10 -5.12
C SER A 42 -3.12 9.86 -4.00
N PRO A 43 -2.59 11.07 -4.31
CA PRO A 43 -1.84 11.88 -3.35
C PRO A 43 -2.59 12.46 -2.15
N PRO A 44 -1.86 12.75 -1.07
CA PRO A 44 -2.37 13.33 0.18
C PRO A 44 -3.03 14.70 -0.08
N GLN A 45 -4.08 15.01 0.68
CA GLN A 45 -4.77 16.28 0.50
C GLN A 45 -4.79 17.08 1.79
N LEU A 46 -4.41 18.35 1.72
CA LEU A 46 -4.41 19.19 2.91
C LEU A 46 -5.79 19.59 3.39
N LEU A 47 -6.06 19.36 4.68
CA LEU A 47 -7.33 19.71 5.29
C LEU A 47 -7.06 20.81 6.32
N ILE A 48 -6.12 20.55 7.21
CA ILE A 48 -5.78 21.51 8.23
C ILE A 48 -4.31 21.90 8.24
N TYR A 49 -4.06 23.21 8.27
CA TYR A 49 -2.70 23.72 8.30
C TYR A 49 -2.57 24.57 9.57
N ASP A 50 -1.38 24.59 10.13
CA ASP A 50 -1.11 25.35 11.35
C ASP A 50 -1.96 24.84 12.51
N ALA A 51 -2.24 23.54 12.51
CA ALA A 51 -2.98 22.88 13.57
C ALA A 51 -4.48 23.14 13.74
N SER A 52 -4.92 24.36 13.47
CA SER A 52 -6.33 24.68 13.64
C SER A 52 -6.97 25.37 12.46
N SER A 53 -6.18 25.69 11.45
CA SER A 53 -6.70 26.39 10.29
C SER A 53 -7.20 25.52 9.13
N LEU A 54 -8.49 25.68 8.85
CA LEU A 54 -9.15 24.96 7.77
C LEU A 54 -8.60 25.47 6.44
N GLU A 55 -8.06 24.55 5.64
CA GLU A 55 -7.48 24.89 4.34
C GLU A 55 -8.58 25.28 3.37
N SER A 56 -8.38 26.39 2.67
CA SER A 56 -9.37 26.88 1.72
C SER A 56 -9.80 25.77 0.76
N GLY A 57 -11.12 25.62 0.60
CA GLY A 57 -11.66 24.61 -0.30
C GLY A 57 -12.06 23.31 0.37
N VAL A 58 -11.71 23.16 1.64
CA VAL A 58 -12.01 21.94 2.39
C VAL A 58 -13.34 22.07 3.13
N PRO A 59 -14.15 21.01 3.13
CA PRO A 59 -15.46 20.98 3.79
C PRO A 59 -15.43 21.50 5.23
N SER A 60 -16.47 22.21 5.62
CA SER A 60 -16.54 22.74 6.98
C SER A 60 -16.56 21.65 8.06
N ARG A 61 -16.87 20.41 7.66
CA ARG A 61 -16.95 19.31 8.62
C ARG A 61 -15.62 18.90 9.24
N PHE A 62 -14.52 19.34 8.62
CA PHE A 62 -13.19 19.04 9.14
C PHE A 62 -12.76 20.20 10.04
N SER A 63 -12.13 19.87 11.15
CA SER A 63 -11.68 20.89 12.08
C SER A 63 -10.45 20.35 12.79
N GLY A 64 -9.62 21.25 13.32
CA GLY A 64 -8.41 20.84 14.03
C GLY A 64 -8.12 21.64 15.30
N SER A 65 -7.51 21.02 16.29
CA SER A 65 -7.19 21.71 17.53
C SER A 65 -5.96 21.13 18.22
N GLY A 66 -5.42 21.87 19.18
CA GLY A 66 -4.25 21.38 19.90
C GLY A 66 -3.03 22.25 19.74
N SER A 67 -2.08 22.08 20.63
CA SER A 67 -0.84 22.84 20.56
C SER A 67 0.26 22.18 21.39
N GLY A 68 1.49 22.26 20.90
CA GLY A 68 2.58 21.66 21.63
C GLY A 68 2.72 20.19 21.34
N THR A 69 2.11 19.34 22.15
CA THR A 69 2.24 17.89 21.97
C THR A 69 0.98 17.12 21.57
N GLU A 70 -0.19 17.71 21.80
CA GLU A 70 -1.46 17.05 21.46
C GLU A 70 -2.23 17.76 20.38
N PHE A 71 -2.66 17.01 19.37
CA PHE A 71 -3.43 17.55 18.26
C PHE A 71 -4.54 16.59 17.85
N THR A 72 -5.69 17.14 17.47
CA THR A 72 -6.84 16.34 17.07
C THR A 72 -7.47 16.88 15.79
N LEU A 73 -8.14 16.03 15.04
CA LEU A 73 -8.79 16.43 13.79
C LEU A 73 -10.14 15.75 13.74
N THR A 74 -11.18 16.51 14.01
CA THR A 74 -12.53 15.98 14.06
C THR A 74 -13.38 16.11 12.80
N ILE A 75 -14.20 15.08 12.57
CA ILE A 75 -15.10 15.06 11.42
C ILE A 75 -16.55 15.09 11.95
N SER A 76 -17.11 16.30 12.05
CA SER A 76 -18.48 16.47 12.56
C SER A 76 -19.43 15.42 12.02
N THR A 77 -19.40 15.22 10.71
CA THR A 77 -20.25 14.22 10.06
C THR A 77 -19.42 13.46 9.03
N LEU A 78 -19.39 12.13 9.17
CA LEU A 78 -18.62 11.27 8.27
C LEU A 78 -19.26 11.07 6.91
N ARG A 79 -18.52 11.40 5.85
CA ARG A 79 -19.03 11.27 4.48
C ARG A 79 -18.48 10.04 3.82
N PRO A 80 -19.04 9.65 2.66
CA PRO A 80 -18.55 8.47 1.96
C PRO A 80 -17.11 8.72 1.56
N GLU A 81 -16.87 9.89 0.98
CA GLU A 81 -15.55 10.28 0.54
C GLU A 81 -14.58 10.54 1.68
N ASP A 82 -14.94 10.11 2.88
CA ASP A 82 -14.06 10.33 4.01
C ASP A 82 -13.38 9.06 4.45
N PHE A 83 -13.85 7.93 3.93
CA PHE A 83 -13.27 6.65 4.28
C PHE A 83 -11.90 6.51 3.61
N ALA A 84 -10.86 6.87 4.34
CA ALA A 84 -9.52 6.80 3.80
C ALA A 84 -8.50 6.78 4.95
N THR A 85 -7.25 7.16 4.64
CA THR A 85 -6.21 7.21 5.67
C THR A 85 -5.86 8.66 5.92
N TYR A 86 -5.67 9.00 7.18
CA TYR A 86 -5.34 10.37 7.56
C TYR A 86 -3.95 10.47 8.15
N TYR A 87 -3.23 11.53 7.81
CA TYR A 87 -1.88 11.74 8.31
C TYR A 87 -1.67 13.11 8.89
N CYS A 88 -0.80 13.19 9.88
CA CYS A 88 -0.45 14.45 10.48
C CYS A 88 1.02 14.66 10.23
N GLN A 89 1.40 15.92 10.05
CA GLN A 89 2.80 16.25 9.80
C GLN A 89 3.17 17.54 10.53
N GLN A 90 4.30 17.49 11.22
CA GLN A 90 4.74 18.67 11.92
C GLN A 90 5.86 19.27 11.08
N LEU A 91 5.90 20.60 11.04
CA LEU A 91 6.94 21.26 10.28
C LEU A 91 7.63 22.27 11.18
N HIS A 92 7.87 21.88 12.42
CA HIS A 92 8.53 22.75 13.37
C HIS A 92 10.02 22.38 13.51
N PHE A 93 10.32 21.08 13.36
CA PHE A 93 11.69 20.59 13.46
C PHE A 93 12.05 19.84 12.19
N TYR A 94 13.32 19.88 11.81
CA TYR A 94 13.78 19.12 10.67
C TYR A 94 14.28 17.86 11.35
N PRO A 95 14.00 16.68 10.79
CA PRO A 95 13.24 16.52 9.56
C PRO A 95 11.74 16.64 9.78
N HIS A 96 11.04 17.09 8.75
CA HIS A 96 9.59 17.22 8.86
C HIS A 96 9.08 15.80 9.05
N THR A 97 8.14 15.65 9.96
CA THR A 97 7.63 14.34 10.33
C THR A 97 6.16 13.99 10.15
N PHE A 98 5.91 12.79 9.63
CA PHE A 98 4.55 12.30 9.41
C PHE A 98 4.22 11.25 10.46
N GLY A 99 2.96 11.14 10.83
CA GLY A 99 2.58 10.14 11.81
C GLY A 99 2.45 8.82 11.09
N GLY A 100 2.04 7.78 11.80
CA GLY A 100 1.90 6.49 11.15
C GLY A 100 0.65 6.32 10.28
N GLY A 101 -0.37 7.15 10.49
CA GLY A 101 -1.58 7.02 9.69
C GLY A 101 -2.69 6.36 10.47
N THR A 102 -3.90 6.87 10.30
CA THR A 102 -5.10 6.37 10.95
C THR A 102 -6.04 6.11 9.81
N ARG A 103 -6.71 4.98 9.81
CA ARG A 103 -7.58 4.69 8.71
C ARG A 103 -8.97 4.30 9.15
N VAL A 104 -9.94 4.86 8.46
CA VAL A 104 -11.31 4.62 8.80
C VAL A 104 -12.06 3.90 7.69
N ASP A 105 -12.40 2.63 7.93
CA ASP A 105 -13.13 1.84 6.96
C ASP A 105 -14.62 1.74 7.29
N VAL A 106 -15.42 1.38 6.29
CA VAL A 106 -16.85 1.26 6.45
C VAL A 106 -17.16 0.15 7.43
N ARG A 107 -18.03 0.44 8.39
CA ARG A 107 -18.40 -0.53 9.41
C ARG A 107 -19.56 -1.44 9.01
N ARG A 108 -19.37 -2.73 9.29
CA ARG A 108 -20.37 -3.74 9.02
C ARG A 108 -20.32 -4.80 10.11
N THR A 109 -21.31 -5.68 10.15
CA THR A 109 -21.34 -6.73 11.17
C THR A 109 -20.12 -7.62 11.01
N VAL A 110 -19.55 -8.04 12.15
CA VAL A 110 -18.38 -8.91 12.15
C VAL A 110 -18.65 -10.15 11.31
N ALA A 111 -17.75 -10.45 10.38
CA ALA A 111 -17.91 -11.61 9.52
C ALA A 111 -16.64 -12.43 9.53
N ALA A 112 -16.75 -13.67 9.96
CA ALA A 112 -15.62 -14.59 9.99
C ALA A 112 -15.29 -15.03 8.55
N PRO A 113 -14.01 -15.13 8.24
CA PRO A 113 -13.58 -15.53 6.90
C PRO A 113 -13.84 -16.98 6.51
N SER A 114 -14.04 -17.24 5.23
CA SER A 114 -14.24 -18.61 4.74
C SER A 114 -12.83 -19.01 4.33
N VAL A 115 -12.27 -20.00 4.99
CA VAL A 115 -10.90 -20.44 4.71
C VAL A 115 -10.75 -21.62 3.75
N PHE A 116 -9.89 -21.47 2.75
CA PHE A 116 -9.63 -22.54 1.78
C PHE A 116 -8.11 -22.71 1.63
N ILE A 117 -7.64 -23.94 1.48
CA ILE A 117 -6.21 -24.16 1.31
C ILE A 117 -6.00 -24.90 -0.02
N PHE A 118 -5.09 -24.39 -0.84
CA PHE A 118 -4.82 -24.99 -2.15
C PHE A 118 -3.42 -25.58 -2.27
N PRO A 119 -3.33 -26.92 -2.38
CA PRO A 119 -2.02 -27.55 -2.51
C PRO A 119 -1.31 -27.12 -3.77
N PRO A 120 0.02 -27.35 -3.83
CA PRO A 120 0.77 -26.97 -5.03
C PRO A 120 0.19 -27.72 -6.20
N SER A 121 0.52 -27.32 -7.41
CA SER A 121 0.01 -28.02 -8.58
C SER A 121 1.12 -28.93 -9.09
N ASP A 122 0.74 -30.09 -9.60
CA ASP A 122 1.68 -31.08 -10.11
C ASP A 122 2.64 -30.48 -11.14
N GLU A 123 2.11 -29.59 -11.99
CA GLU A 123 2.86 -28.94 -13.05
C GLU A 123 3.90 -27.96 -12.52
N GLN A 124 3.57 -27.27 -11.43
CA GLN A 124 4.50 -26.31 -10.84
C GLN A 124 5.57 -27.10 -10.12
N LEU A 125 5.13 -28.21 -9.53
CA LEU A 125 5.99 -29.09 -8.78
C LEU A 125 7.16 -29.67 -9.52
N LYS A 126 7.33 -29.29 -10.78
CA LYS A 126 8.48 -29.75 -11.51
C LYS A 126 8.87 -28.52 -12.28
N SER A 127 9.63 -27.69 -11.60
CA SER A 127 10.14 -26.46 -12.14
C SER A 127 10.95 -26.18 -10.89
N GLY A 128 10.76 -27.10 -9.94
CA GLY A 128 11.47 -27.10 -8.68
C GLY A 128 10.96 -26.41 -7.43
N THR A 129 9.74 -25.90 -7.43
CA THR A 129 9.24 -25.22 -6.24
C THR A 129 7.78 -25.56 -5.95
N ALA A 130 7.35 -25.30 -4.72
CA ALA A 130 5.98 -25.59 -4.34
C ALA A 130 5.31 -24.40 -3.66
N SER A 131 4.24 -23.91 -4.26
CA SER A 131 3.56 -22.78 -3.66
C SER A 131 2.20 -23.19 -3.15
N VAL A 132 2.02 -23.23 -1.83
CA VAL A 132 0.70 -23.57 -1.29
C VAL A 132 0.08 -22.28 -0.82
N VAL A 133 -1.20 -22.05 -1.15
CA VAL A 133 -1.86 -20.81 -0.80
C VAL A 133 -3.10 -20.95 0.11
N CYS A 134 -3.32 -19.94 0.95
CA CYS A 134 -4.46 -19.93 1.85
C CYS A 134 -5.34 -18.73 1.54
N LEU A 135 -6.63 -18.97 1.38
CA LEU A 135 -7.58 -17.91 1.09
C LEU A 135 -8.54 -17.68 2.25
N LEU A 136 -8.59 -16.45 2.75
CA LEU A 136 -9.51 -16.08 3.82
C LEU A 136 -10.47 -15.17 3.08
N ASN A 137 -11.65 -15.70 2.78
CA ASN A 137 -12.62 -14.95 2.00
C ASN A 137 -13.73 -14.16 2.70
N ASN A 138 -13.86 -12.90 2.29
CA ASN A 138 -14.89 -12.00 2.80
C ASN A 138 -15.09 -11.97 4.31
N PHE A 139 -14.30 -11.15 5.00
CA PHE A 139 -14.40 -11.07 6.45
C PHE A 139 -14.37 -9.63 6.95
N TYR A 140 -14.73 -9.44 8.20
CA TYR A 140 -14.71 -8.12 8.83
C TYR A 140 -14.68 -8.33 10.33
N PRO A 141 -13.85 -7.56 11.05
CA PRO A 141 -12.99 -6.52 10.48
C PRO A 141 -11.77 -6.99 9.66
N ARG A 142 -10.97 -6.02 9.21
CA ARG A 142 -9.79 -6.28 8.40
C ARG A 142 -8.69 -7.14 9.03
N GLU A 143 -8.50 -6.98 10.34
CA GLU A 143 -7.47 -7.73 11.03
C GLU A 143 -7.70 -9.23 11.02
N ALA A 144 -6.73 -9.98 10.49
CA ALA A 144 -6.80 -11.43 10.44
C ALA A 144 -5.39 -11.93 10.56
N LYS A 145 -5.20 -13.12 11.12
CA LYS A 145 -3.85 -13.64 11.27
C LYS A 145 -3.78 -15.04 10.66
N VAL A 146 -2.77 -15.27 9.83
CA VAL A 146 -2.57 -16.57 9.19
C VAL A 146 -1.24 -17.20 9.60
N GLN A 147 -1.27 -18.46 10.03
CA GLN A 147 -0.04 -19.13 10.42
C GLN A 147 0.05 -20.43 9.65
N TRP A 148 1.19 -20.65 9.00
CA TRP A 148 1.42 -21.87 8.22
C TRP A 148 2.15 -22.88 9.07
N LYS A 149 1.89 -24.17 8.82
CA LYS A 149 2.55 -25.23 9.56
C LYS A 149 2.79 -26.41 8.64
N VAL A 150 3.98 -27.00 8.72
CA VAL A 150 4.30 -28.14 7.90
C VAL A 150 4.74 -29.17 8.93
N ASP A 151 3.93 -30.21 9.08
CA ASP A 151 4.21 -31.25 10.07
C ASP A 151 4.33 -30.62 11.46
N ASN A 152 3.59 -29.53 11.61
CA ASN A 152 3.50 -28.79 12.84
C ASN A 152 4.62 -27.86 13.17
N ALA A 153 5.56 -27.68 12.26
CA ALA A 153 6.64 -26.73 12.51
C ALA A 153 6.13 -25.38 12.01
N LEU A 154 5.94 -24.43 12.93
CA LEU A 154 5.45 -23.12 12.52
C LEU A 154 6.39 -22.54 11.48
N GLN A 155 5.85 -22.18 10.31
CA GLN A 155 6.65 -21.59 9.24
C GLN A 155 6.79 -20.08 9.42
N SER A 156 8.00 -19.56 9.24
CA SER A 156 8.25 -18.13 9.44
C SER A 156 9.20 -17.59 8.40
N GLY A 157 8.78 -16.54 7.70
CA GLY A 157 9.63 -15.92 6.70
C GLY A 157 9.67 -16.56 5.32
N ASN A 158 8.61 -17.28 4.95
CA ASN A 158 8.56 -17.90 3.62
C ASN A 158 7.16 -17.89 3.01
N SER A 159 6.31 -17.02 3.54
CA SER A 159 4.96 -16.87 3.05
C SER A 159 4.78 -15.37 2.80
N GLN A 160 3.84 -15.02 1.94
CA GLN A 160 3.59 -13.62 1.65
C GLN A 160 2.10 -13.50 1.48
N GLU A 161 1.53 -12.33 1.73
CA GLU A 161 0.09 -12.16 1.60
C GLU A 161 -0.25 -10.78 1.15
N SER A 162 -1.45 -10.61 0.59
CA SER A 162 -1.93 -9.31 0.15
C SER A 162 -3.44 -9.31 0.41
N VAL A 163 -3.98 -8.16 0.75
CA VAL A 163 -5.41 -8.08 1.03
C VAL A 163 -6.10 -7.15 0.07
N THR A 164 -7.29 -7.50 -0.37
CA THR A 164 -8.03 -6.68 -1.30
C THR A 164 -8.51 -5.44 -0.54
N GLU A 165 -9.07 -4.46 -1.26
CA GLU A 165 -9.61 -3.26 -0.61
C GLU A 165 -11.06 -3.57 -0.30
N GLN A 166 -11.60 -2.94 0.74
CA GLN A 166 -12.97 -3.18 1.16
C GLN A 166 -13.95 -3.21 0.02
N ASP A 167 -14.69 -4.30 -0.07
CA ASP A 167 -15.70 -4.49 -1.11
C ASP A 167 -16.66 -3.32 -1.02
N SER A 168 -16.91 -2.67 -2.16
CA SER A 168 -17.81 -1.52 -2.19
C SER A 168 -19.26 -1.91 -1.91
N LYS A 169 -19.55 -3.21 -1.96
CA LYS A 169 -20.91 -3.72 -1.73
C LYS A 169 -21.20 -4.40 -0.38
N ASP A 170 -20.46 -5.46 -0.06
CA ASP A 170 -20.70 -6.15 1.20
C ASP A 170 -19.71 -5.68 2.26
N SER A 171 -18.83 -4.77 1.86
CA SER A 171 -17.85 -4.21 2.78
C SER A 171 -16.93 -5.17 3.51
N THR A 172 -16.65 -6.34 2.93
CA THR A 172 -15.75 -7.32 3.55
C THR A 172 -14.38 -7.28 2.88
N TYR A 173 -13.41 -7.94 3.49
CA TYR A 173 -12.08 -8.00 2.92
C TYR A 173 -11.79 -9.46 2.65
N SER A 174 -10.80 -9.73 1.81
CA SER A 174 -10.39 -11.10 1.52
C SER A 174 -8.88 -11.09 1.52
N LEU A 175 -8.25 -12.12 2.09
CA LEU A 175 -6.79 -12.18 2.14
C LEU A 175 -6.24 -13.39 1.39
N SER A 176 -4.99 -13.30 0.97
CA SER A 176 -4.36 -14.39 0.24
C SER A 176 -2.93 -14.54 0.76
N SER A 177 -2.56 -15.76 1.17
CA SER A 177 -1.22 -16.00 1.68
C SER A 177 -0.59 -17.12 0.88
N THR A 178 0.70 -17.00 0.63
CA THR A 178 1.43 -17.98 -0.16
C THR A 178 2.64 -18.57 0.52
N LEU A 179 2.59 -19.85 0.83
CA LEU A 179 3.73 -20.50 1.44
C LEU A 179 4.53 -21.01 0.26
N THR A 180 5.80 -20.66 0.19
CA THR A 180 6.65 -21.10 -0.90
C THR A 180 7.82 -21.95 -0.42
N LEU A 181 7.73 -23.26 -0.62
CA LEU A 181 8.80 -24.16 -0.24
C LEU A 181 9.56 -24.58 -1.48
N SER A 182 10.75 -25.14 -1.31
CA SER A 182 11.50 -25.60 -2.46
C SER A 182 10.95 -27.00 -2.62
N LYS A 183 10.65 -27.39 -3.85
CA LYS A 183 10.08 -28.69 -4.13
C LYS A 183 10.51 -29.83 -3.23
N ALA A 184 11.82 -30.05 -3.11
CA ALA A 184 12.26 -31.15 -2.28
C ALA A 184 11.71 -31.02 -0.88
N ASP A 185 11.67 -29.80 -0.35
CA ASP A 185 11.17 -29.63 1.01
C ASP A 185 9.71 -29.99 1.12
N TYR A 186 8.96 -29.69 0.06
CA TYR A 186 7.55 -29.98 0.03
C TYR A 186 7.30 -31.48 0.06
N GLU A 187 8.10 -32.20 -0.71
CA GLU A 187 7.94 -33.63 -0.81
C GLU A 187 8.48 -34.46 0.35
N LYS A 188 8.93 -33.80 1.41
CA LYS A 188 9.40 -34.55 2.56
C LYS A 188 8.72 -34.16 3.88
N HIS A 189 7.48 -33.70 3.77
CA HIS A 189 6.64 -33.32 4.90
C HIS A 189 5.24 -33.80 4.56
N LYS A 190 4.38 -33.95 5.56
CA LYS A 190 3.03 -34.48 5.29
C LYS A 190 1.89 -33.48 5.36
N VAL A 191 1.60 -33.03 6.58
CA VAL A 191 0.51 -32.10 6.85
C VAL A 191 0.85 -30.65 6.58
N TYR A 192 0.14 -30.04 5.65
CA TYR A 192 0.34 -28.64 5.35
C TYR A 192 -0.94 -28.00 5.81
N GLU A 193 -0.87 -27.23 6.88
CA GLU A 193 -2.06 -26.60 7.38
C GLU A 193 -1.94 -25.09 7.43
N CYS A 194 -3.09 -24.45 7.28
CA CYS A 194 -3.23 -22.99 7.32
C CYS A 194 -4.21 -22.65 8.43
N GLU A 195 -3.71 -22.00 9.48
CA GLU A 195 -4.53 -21.64 10.65
C GLU A 195 -4.83 -20.14 10.70
N VAL A 196 -6.12 -19.81 10.70
CA VAL A 196 -6.61 -18.43 10.69
C VAL A 196 -7.21 -17.91 11.99
N THR A 197 -6.71 -16.77 12.45
CA THR A 197 -7.24 -16.16 13.66
C THR A 197 -7.99 -14.90 13.24
N HIS A 198 -9.22 -14.76 13.71
CA HIS A 198 -10.02 -13.59 13.36
C HIS A 198 -11.12 -13.33 14.38
N GLN A 199 -11.50 -12.06 14.53
CA GLN A 199 -12.54 -11.70 15.47
C GLN A 199 -13.82 -12.54 15.33
N GLY A 200 -14.04 -13.06 14.13
CA GLY A 200 -15.25 -13.84 13.88
C GLY A 200 -15.23 -15.30 14.26
N LEU A 201 -14.12 -15.76 14.80
CA LEU A 201 -14.01 -17.16 15.19
C LEU A 201 -13.58 -17.24 16.66
N SER A 202 -14.28 -18.09 17.43
CA SER A 202 -13.98 -18.29 18.85
C SER A 202 -12.57 -18.84 19.08
N SER A 203 -12.23 -19.90 18.37
CA SER A 203 -10.88 -20.45 18.45
C SER A 203 -10.47 -20.57 16.99
N PRO A 204 -9.18 -20.33 16.69
CA PRO A 204 -8.66 -20.42 15.33
C PRO A 204 -9.09 -21.65 14.55
N VAL A 205 -9.30 -21.49 13.25
CA VAL A 205 -9.70 -22.58 12.38
C VAL A 205 -8.55 -22.96 11.44
N THR A 206 -8.32 -24.25 11.28
CA THR A 206 -7.25 -24.75 10.43
C THR A 206 -7.77 -25.50 9.19
N LYS A 207 -6.97 -25.48 8.12
CA LYS A 207 -7.30 -26.15 6.87
C LYS A 207 -6.03 -26.87 6.47
N SER A 208 -6.13 -28.17 6.24
CA SER A 208 -4.96 -28.94 5.85
C SER A 208 -5.23 -30.00 4.80
N PHE A 209 -4.16 -30.38 4.13
CA PHE A 209 -4.21 -31.41 3.14
C PHE A 209 -2.99 -32.18 3.54
N ASN A 210 -3.00 -33.49 3.38
CA ASN A 210 -1.82 -34.25 3.69
C ASN A 210 -1.32 -34.53 2.29
N ARG A 211 -0.09 -34.12 2.00
CA ARG A 211 0.40 -34.25 0.65
C ARG A 211 -0.14 -35.29 -0.35
N GLY A 212 0.22 -36.56 -0.19
CA GLY A 212 -0.22 -37.53 -1.19
C GLY A 212 -1.31 -38.58 -1.03
N GLU A 213 -2.27 -38.35 -0.14
CA GLU A 213 -3.35 -39.30 0.09
C GLU A 213 -4.63 -38.98 -0.70
N ARG B 1 -4.59 26.12 -10.14
CA ARG B 1 -3.63 27.03 -9.46
C ARG B 1 -2.22 26.46 -9.65
N ILE B 2 -1.68 25.93 -8.56
CA ILE B 2 -0.37 25.33 -8.55
C ILE B 2 -0.54 23.85 -8.85
N THR B 3 0.31 23.31 -9.73
CA THR B 3 0.29 21.88 -10.03
C THR B 3 1.73 21.46 -10.26
N LEU B 4 2.17 20.45 -9.54
CA LEU B 4 3.52 19.93 -9.72
C LEU B 4 3.29 18.57 -10.34
N LYS B 5 4.37 17.90 -10.72
CA LYS B 5 4.23 16.61 -11.35
C LYS B 5 5.55 15.85 -11.30
N GLU B 6 5.47 14.53 -11.26
CA GLU B 6 6.66 13.71 -11.17
C GLU B 6 7.06 12.94 -12.43
N SER B 7 8.37 12.99 -12.72
CA SER B 7 8.96 12.32 -13.89
C SER B 7 10.14 11.49 -13.43
N GLY B 8 10.55 10.55 -14.29
CA GLY B 8 11.68 9.69 -13.96
C GLY B 8 11.45 8.28 -14.46
N PRO B 9 12.32 7.32 -14.10
CA PRO B 9 12.18 5.93 -14.52
C PRO B 9 11.35 5.15 -13.51
N PRO B 10 10.26 4.50 -13.97
CA PRO B 10 9.38 3.72 -13.11
C PRO B 10 10.06 2.46 -12.64
N LEU B 11 11.03 2.01 -13.41
CA LEU B 11 11.75 0.78 -13.11
C LEU B 11 13.24 0.99 -12.88
N VAL B 12 13.72 0.69 -11.68
CA VAL B 12 15.13 0.91 -11.36
C VAL B 12 15.88 -0.28 -10.71
N LYS B 13 17.13 -0.48 -11.10
CA LYS B 13 17.95 -1.59 -10.60
C LYS B 13 18.77 -1.35 -9.32
N PRO B 14 18.77 -2.34 -8.41
CA PRO B 14 19.50 -2.30 -7.13
C PRO B 14 20.92 -1.81 -7.34
N THR B 15 21.31 -0.79 -6.59
CA THR B 15 22.67 -0.22 -6.68
C THR B 15 22.71 1.13 -7.39
N GLN B 16 22.18 1.18 -8.60
CA GLN B 16 22.23 2.41 -9.37
C GLN B 16 21.63 3.63 -8.70
N THR B 17 21.34 4.64 -9.52
CA THR B 17 20.82 5.90 -9.01
C THR B 17 19.46 6.31 -9.56
N LEU B 18 18.57 6.71 -8.67
CA LEU B 18 17.22 7.15 -9.03
C LEU B 18 17.12 8.67 -9.13
N THR B 19 16.95 9.19 -10.35
CA THR B 19 16.82 10.63 -10.56
C THR B 19 15.36 10.95 -10.87
N LEU B 20 14.68 11.60 -9.94
CA LEU B 20 13.28 11.97 -10.09
C LEU B 20 13.22 13.46 -10.35
N THR B 21 12.17 13.92 -11.03
CA THR B 21 12.06 15.34 -11.32
C THR B 21 10.66 15.89 -11.14
N CYS B 22 10.58 16.94 -10.35
CA CYS B 22 9.31 17.59 -10.06
C CYS B 22 9.13 18.80 -10.94
N SER B 23 8.16 18.77 -11.83
CA SER B 23 7.90 19.94 -12.67
C SER B 23 6.63 20.59 -12.11
N PHE B 24 6.75 21.83 -11.67
CA PHE B 24 5.59 22.50 -11.14
C PHE B 24 5.25 23.66 -12.07
N SER B 25 4.14 24.33 -11.81
CA SER B 25 3.72 25.44 -12.63
C SER B 25 2.50 26.05 -11.97
N GLY B 26 2.68 27.26 -11.47
CA GLY B 26 1.63 27.97 -10.77
C GLY B 26 2.36 28.90 -9.85
N PHE B 27 3.64 28.60 -9.69
CA PHE B 27 4.53 29.38 -8.86
C PHE B 27 5.89 29.21 -9.50
N SER B 28 6.88 29.90 -8.96
CA SER B 28 8.23 29.80 -9.46
C SER B 28 9.04 29.64 -8.21
N LEU B 29 10.31 29.33 -8.34
CA LEU B 29 11.13 29.16 -7.16
C LEU B 29 11.79 30.49 -6.81
N SER B 30 11.29 31.54 -7.45
CA SER B 30 11.82 32.88 -7.25
C SER B 30 10.97 33.59 -6.24
N ASP B 31 9.77 33.05 -6.00
CA ASP B 31 8.87 33.63 -5.02
C ASP B 31 9.58 33.37 -3.70
N PHE B 32 9.51 34.33 -2.78
CA PHE B 32 10.20 34.21 -1.52
C PHE B 32 9.63 33.18 -0.54
N GLY B 33 10.50 32.33 -0.01
CA GLY B 33 10.08 31.32 0.94
C GLY B 33 9.80 29.99 0.27
N VAL B 34 8.86 30.03 -0.68
CA VAL B 34 8.44 28.87 -1.48
C VAL B 34 9.37 27.69 -1.40
N GLY B 35 8.84 26.54 -1.04
CA GLY B 35 9.67 25.37 -0.95
C GLY B 35 9.02 24.24 -1.69
N VAL B 36 9.82 23.24 -2.03
CA VAL B 36 9.32 22.08 -2.72
C VAL B 36 10.04 20.89 -2.14
N GLY B 37 9.29 20.01 -1.49
CA GLY B 37 9.91 18.85 -0.89
C GLY B 37 9.54 17.54 -1.55
N TRP B 38 10.24 16.49 -1.14
CA TRP B 38 10.00 15.16 -1.66
C TRP B 38 9.54 14.24 -0.53
N ILE B 39 8.36 13.63 -0.70
CA ILE B 39 7.80 12.70 0.28
C ILE B 39 7.60 11.35 -0.45
N ARG B 40 8.00 10.25 0.17
CA ARG B 40 7.85 8.96 -0.50
C ARG B 40 7.01 7.97 0.32
N GLN B 41 6.28 7.08 -0.36
CA GLN B 41 5.43 6.15 0.35
C GLN B 41 5.52 4.71 -0.12
N PRO B 42 6.19 3.84 0.67
CA PRO B 42 6.36 2.43 0.34
C PRO B 42 5.02 1.80 -0.03
N PRO B 43 5.04 0.59 -0.62
CA PRO B 43 3.78 -0.05 -1.00
C PRO B 43 2.97 -0.34 0.26
N GLY B 44 1.80 0.28 0.36
CA GLY B 44 0.95 0.04 1.52
C GLY B 44 1.44 0.48 2.89
N LYS B 45 2.45 1.33 2.98
CA LYS B 45 2.89 1.80 4.30
C LYS B 45 2.63 3.31 4.39
N ALA B 46 3.29 3.99 5.32
CA ALA B 46 3.08 5.43 5.47
C ALA B 46 4.00 6.35 4.68
N LEU B 47 3.72 7.66 4.77
CA LEU B 47 4.48 8.68 4.08
C LEU B 47 5.80 8.83 4.82
N GLU B 48 6.87 9.11 4.08
CA GLU B 48 8.18 9.32 4.68
C GLU B 48 8.78 10.60 4.09
N TRP B 49 9.14 11.55 4.94
CA TRP B 49 9.72 12.81 4.49
C TRP B 49 11.13 12.55 3.97
N LEU B 50 11.44 13.09 2.79
CA LEU B 50 12.76 12.89 2.18
C LEU B 50 13.70 14.08 2.24
N ALA B 51 13.30 15.19 1.64
CA ALA B 51 14.14 16.39 1.64
C ALA B 51 13.35 17.59 1.20
N ILE B 52 13.87 18.78 1.47
CA ILE B 52 13.18 19.98 1.05
C ILE B 52 14.21 20.98 0.57
N ILE B 53 13.83 21.76 -0.43
CA ILE B 53 14.72 22.79 -0.97
C ILE B 53 13.88 24.06 -1.11
N TYR B 54 14.41 25.18 -0.62
CA TYR B 54 13.69 26.45 -0.66
C TYR B 54 14.19 27.45 -1.69
N SER B 55 13.34 28.43 -1.96
CA SER B 55 13.60 29.51 -2.92
C SER B 55 15.06 29.94 -3.00
N ASP B 56 15.60 30.27 -1.83
CA ASP B 56 16.98 30.75 -1.66
C ASP B 56 18.01 29.66 -1.40
N ASP B 57 17.72 28.46 -1.83
CA ASP B 57 18.64 27.35 -1.65
C ASP B 57 19.05 26.82 -0.27
N ASP B 58 18.21 26.65 0.75
CA ASP B 58 18.91 25.86 1.74
C ASP B 58 18.33 24.55 1.31
N LYS B 59 18.56 23.50 2.08
CA LYS B 59 18.06 22.20 1.72
C LYS B 59 18.28 21.43 3.00
N ARG B 60 17.29 20.68 3.41
CA ARG B 60 17.45 19.86 4.58
C ARG B 60 17.11 18.48 4.05
N TYR B 61 17.86 17.48 4.44
CA TYR B 61 17.59 16.14 3.98
C TYR B 61 17.05 15.32 5.15
N SER B 62 16.87 14.03 4.93
CA SER B 62 16.40 13.14 5.99
C SER B 62 17.69 12.56 6.56
N PRO B 63 17.96 12.80 7.86
CA PRO B 63 19.15 12.33 8.57
C PRO B 63 19.55 10.88 8.24
N SER B 64 18.54 10.06 7.98
CA SER B 64 18.76 8.66 7.64
C SER B 64 19.09 8.47 6.17
N LEU B 65 18.68 9.39 5.31
CA LEU B 65 19.00 9.26 3.89
C LEU B 65 20.00 10.32 3.43
N ASN B 66 20.52 11.10 4.37
CA ASN B 66 21.46 12.16 4.05
C ASN B 66 22.61 11.87 3.10
N THR B 67 23.36 10.80 3.32
CA THR B 67 24.50 10.50 2.46
C THR B 67 24.15 9.87 1.12
N ARG B 68 22.84 9.71 0.86
CA ARG B 68 22.35 9.10 -0.38
C ARG B 68 21.53 10.06 -1.23
N LEU B 69 21.04 11.14 -0.62
CA LEU B 69 20.21 12.13 -1.30
C LEU B 69 20.89 13.43 -1.71
N THR B 70 20.48 13.99 -2.85
CA THR B 70 21.01 15.26 -3.32
C THR B 70 19.87 16.02 -4.01
N ILE B 71 19.50 17.17 -3.47
CA ILE B 71 18.40 17.95 -4.03
C ILE B 71 18.88 19.25 -4.69
N THR B 72 18.40 19.50 -5.92
CA THR B 72 18.77 20.70 -6.66
C THR B 72 17.58 21.34 -7.34
N LYS B 73 17.76 22.61 -7.72
CA LYS B 73 16.71 23.35 -8.37
C LYS B 73 17.27 24.17 -9.52
N ASP B 74 16.62 24.08 -10.69
CA ASP B 74 17.01 24.85 -11.86
C ASP B 74 15.82 25.77 -12.03
N THR B 75 16.03 27.04 -11.71
CA THR B 75 14.98 28.04 -11.79
C THR B 75 14.51 28.49 -13.18
N SER B 76 15.22 28.04 -14.22
CA SER B 76 14.86 28.41 -15.60
C SER B 76 13.82 27.47 -16.17
N LYS B 77 13.73 26.28 -15.56
CA LYS B 77 12.78 25.26 -15.99
C LYS B 77 11.64 25.07 -15.01
N ASN B 78 11.89 25.34 -13.73
CA ASN B 78 10.88 25.16 -12.68
C ASN B 78 10.69 23.67 -12.39
N GLN B 79 11.83 22.99 -12.25
CA GLN B 79 11.90 21.57 -11.94
C GLN B 79 12.74 21.50 -10.68
N VAL B 80 12.58 20.44 -9.90
CA VAL B 80 13.42 20.24 -8.74
C VAL B 80 13.88 18.80 -8.98
N VAL B 81 15.16 18.56 -8.73
CA VAL B 81 15.69 17.25 -8.97
C VAL B 81 16.14 16.67 -7.65
N LEU B 82 15.91 15.37 -7.49
CA LEU B 82 16.32 14.66 -6.29
C LEU B 82 17.02 13.42 -6.77
N VAL B 83 18.26 13.23 -6.34
CA VAL B 83 19.03 12.06 -6.72
C VAL B 83 19.25 11.21 -5.47
N MET B 84 18.81 9.95 -5.54
CA MET B 84 18.98 9.03 -4.43
C MET B 84 19.82 7.90 -4.98
N THR B 85 21.00 7.71 -4.41
CA THR B 85 21.91 6.67 -4.89
C THR B 85 21.75 5.28 -4.27
N ARG B 86 22.59 4.34 -4.70
CA ARG B 86 22.54 2.97 -4.23
C ARG B 86 21.19 2.59 -3.60
N VAL B 87 20.20 2.43 -4.48
CA VAL B 87 18.85 2.06 -4.05
C VAL B 87 18.80 0.55 -3.90
N SER B 88 17.78 0.07 -3.21
CA SER B 88 17.61 -1.35 -2.99
C SER B 88 16.12 -1.54 -2.96
N PRO B 89 15.65 -2.79 -3.05
CA PRO B 89 14.22 -3.13 -3.05
C PRO B 89 13.40 -2.37 -2.02
N VAL B 90 14.05 -1.95 -0.93
CA VAL B 90 13.36 -1.22 0.12
C VAL B 90 13.04 0.20 -0.28
N ASP B 91 13.61 0.67 -1.38
CA ASP B 91 13.32 2.02 -1.83
C ASP B 91 12.17 2.04 -2.80
N THR B 92 11.56 0.87 -3.02
CA THR B 92 10.40 0.73 -3.89
C THR B 92 9.24 1.40 -3.21
N ALA B 93 8.71 2.43 -3.85
CA ALA B 93 7.61 3.17 -3.28
C ALA B 93 7.13 4.21 -4.26
N THR B 94 6.15 5.00 -3.82
CA THR B 94 5.61 6.05 -4.63
C THR B 94 6.24 7.32 -4.11
N TYR B 95 6.84 8.08 -5.02
CA TYR B 95 7.52 9.33 -4.69
C TYR B 95 6.73 10.56 -5.08
N PHE B 96 6.50 11.43 -4.09
CA PHE B 96 5.74 12.65 -4.29
C PHE B 96 6.58 13.89 -4.09
N CYS B 97 6.22 14.97 -4.77
CA CYS B 97 6.91 16.21 -4.57
C CYS B 97 5.80 17.15 -4.20
N ALA B 98 6.06 18.05 -3.28
CA ALA B 98 5.00 18.95 -2.85
C ALA B 98 5.43 20.37 -2.71
N HIS B 99 4.46 21.25 -2.85
CA HIS B 99 4.74 22.66 -2.72
C HIS B 99 4.43 23.16 -1.33
N ARG B 100 5.41 23.81 -0.71
CA ARG B 100 5.21 24.40 0.61
C ARG B 100 5.12 25.91 0.44
N ARG B 101 4.46 26.57 1.38
CA ARG B 101 4.25 28.00 1.32
C ARG B 101 5.41 28.99 1.33
N GLY B 102 5.11 30.11 1.98
CA GLY B 102 6.01 31.24 2.15
C GLY B 102 5.25 32.24 3.03
N PRO B 103 5.93 32.96 3.96
CA PRO B 103 5.19 33.92 4.80
C PRO B 103 4.45 34.95 3.94
N THR B 104 3.22 35.27 4.29
CA THR B 104 2.43 36.25 3.51
C THR B 104 3.09 37.63 3.59
N GLY B 114 2.80 32.75 8.02
CA GLY B 114 2.01 32.16 9.10
C GLY B 114 1.39 30.81 8.73
N PRO B 115 0.99 30.59 7.45
CA PRO B 115 0.39 29.36 6.96
C PRO B 115 1.38 28.65 6.03
N VAL B 116 2.67 28.94 6.25
CA VAL B 116 3.78 28.33 5.53
C VAL B 116 3.91 27.02 6.28
N ASN B 117 2.84 26.68 6.99
CA ASN B 117 2.78 25.51 7.84
C ASN B 117 2.03 24.30 7.35
N ALA B 118 2.51 23.74 6.26
CA ALA B 118 1.92 22.56 5.67
C ALA B 118 2.19 22.49 4.19
N MET B 119 2.29 21.27 3.69
CA MET B 119 2.53 21.04 2.28
C MET B 119 1.14 21.05 1.63
N ASP B 120 0.74 22.23 1.17
CA ASP B 120 -0.58 22.44 0.59
C ASP B 120 -0.95 21.81 -0.76
N VAL B 121 0.02 21.61 -1.65
CA VAL B 121 -0.27 20.99 -2.96
C VAL B 121 0.79 19.94 -3.25
N TRP B 122 0.36 18.81 -3.80
CA TRP B 122 1.28 17.73 -4.05
C TRP B 122 1.27 17.33 -5.48
N GLY B 123 2.36 16.70 -5.90
CA GLY B 123 2.38 16.21 -7.25
C GLY B 123 1.37 15.10 -7.12
N GLN B 124 1.18 14.32 -8.16
CA GLN B 124 0.22 13.23 -8.15
C GLN B 124 0.87 11.91 -7.72
N GLY B 125 2.18 11.82 -7.95
CA GLY B 125 2.93 10.62 -7.59
C GLY B 125 3.36 9.77 -8.77
N ILE B 126 4.57 9.22 -8.68
CA ILE B 126 5.07 8.35 -9.73
C ILE B 126 5.73 7.28 -8.92
N THR B 127 5.19 6.07 -9.03
CA THR B 127 5.68 4.92 -8.29
C THR B 127 6.93 4.25 -8.87
N VAL B 128 8.00 4.20 -8.07
CA VAL B 128 9.24 3.57 -8.51
C VAL B 128 9.36 2.22 -7.86
N THR B 129 9.94 1.26 -8.58
CA THR B 129 10.11 -0.09 -8.07
C THR B 129 11.50 -0.58 -8.39
N ILE B 130 12.21 -1.09 -7.39
CA ILE B 130 13.57 -1.59 -7.62
C ILE B 130 13.61 -3.07 -7.93
N SER B 131 14.37 -3.44 -8.94
CA SER B 131 14.45 -4.85 -9.29
C SER B 131 15.37 -5.14 -10.47
N SER B 132 16.57 -5.63 -10.16
CA SER B 132 17.52 -6.01 -11.20
C SER B 132 16.85 -7.23 -11.80
N THR B 133 15.97 -7.00 -12.78
CA THR B 133 15.23 -8.09 -13.38
C THR B 133 14.67 -7.74 -14.74
N SER B 134 14.82 -8.64 -15.71
CA SER B 134 14.32 -8.37 -17.06
C SER B 134 12.88 -8.78 -17.22
N THR B 135 12.21 -8.18 -18.20
CA THR B 135 10.83 -8.50 -18.51
C THR B 135 10.75 -10.01 -18.45
N LYS B 136 9.58 -10.55 -18.10
CA LYS B 136 9.46 -11.98 -17.99
C LYS B 136 8.00 -12.40 -17.82
N GLY B 137 7.52 -13.26 -18.73
CA GLY B 137 6.15 -13.75 -18.69
C GLY B 137 5.82 -14.60 -17.46
N PRO B 138 4.51 -14.76 -17.14
CA PRO B 138 4.08 -15.54 -15.98
C PRO B 138 3.75 -17.00 -16.26
N SER B 139 3.82 -17.81 -15.22
CA SER B 139 3.49 -19.22 -15.28
C SER B 139 2.17 -19.19 -14.55
N VAL B 140 1.15 -19.81 -15.11
CA VAL B 140 -0.15 -19.80 -14.46
C VAL B 140 -0.47 -21.18 -13.92
N PHE B 141 -0.62 -21.29 -12.60
CA PHE B 141 -0.93 -22.57 -11.98
C PHE B 141 -2.33 -22.55 -11.40
N PRO B 142 -2.97 -23.71 -11.32
CA PRO B 142 -4.33 -23.80 -10.79
C PRO B 142 -4.36 -23.80 -9.27
N LEU B 143 -5.43 -23.24 -8.73
CA LEU B 143 -5.67 -23.17 -7.30
C LEU B 143 -7.04 -23.79 -7.24
N ALA B 144 -7.14 -25.10 -7.17
CA ALA B 144 -8.49 -25.66 -7.17
C ALA B 144 -8.90 -26.58 -6.01
N PRO B 145 -10.22 -26.70 -5.80
CA PRO B 145 -10.87 -27.51 -4.76
C PRO B 145 -10.01 -28.66 -4.26
N GLY B 153 -23.19 -25.49 -0.23
CA GLY B 153 -21.95 -25.54 -0.95
C GLY B 153 -21.36 -24.26 -1.56
N THR B 154 -20.26 -23.81 -0.97
CA THR B 154 -19.53 -22.67 -1.46
C THR B 154 -18.21 -23.38 -1.78
N ALA B 155 -17.50 -22.93 -2.80
CA ALA B 155 -16.26 -23.59 -3.13
C ALA B 155 -15.34 -22.60 -3.82
N ALA B 156 -14.04 -22.79 -3.66
CA ALA B 156 -13.09 -21.88 -4.25
C ALA B 156 -12.10 -22.52 -5.20
N LEU B 157 -11.80 -21.79 -6.26
CA LEU B 157 -10.83 -22.21 -7.23
C LEU B 157 -10.20 -20.91 -7.66
N GLY B 158 -9.08 -20.99 -8.35
CA GLY B 158 -8.43 -19.78 -8.76
C GLY B 158 -7.20 -20.10 -9.56
N CYS B 159 -6.41 -19.07 -9.82
CA CYS B 159 -5.20 -19.20 -10.60
C CYS B 159 -4.07 -18.48 -9.91
N LEU B 160 -2.90 -19.09 -9.87
CA LEU B 160 -1.73 -18.46 -9.28
C LEU B 160 -0.86 -18.02 -10.46
N VAL B 161 -0.82 -16.73 -10.72
CA VAL B 161 0.00 -16.22 -11.82
C VAL B 161 1.36 -15.86 -11.21
N LYS B 162 2.33 -16.72 -11.48
CA LYS B 162 3.65 -16.61 -10.90
C LYS B 162 4.79 -16.11 -11.78
N ASP B 163 5.79 -15.56 -11.09
CA ASP B 163 7.02 -15.02 -11.67
C ASP B 163 6.90 -14.25 -13.01
N TYR B 164 6.34 -13.05 -12.95
CA TYR B 164 6.24 -12.21 -14.13
C TYR B 164 6.84 -10.87 -13.75
N PHE B 165 7.16 -10.05 -14.74
CA PHE B 165 7.75 -8.75 -14.47
C PHE B 165 7.88 -7.96 -15.75
N PRO B 166 7.63 -6.63 -15.69
CA PRO B 166 7.19 -5.98 -14.44
C PRO B 166 5.68 -6.02 -14.46
N GLU B 167 5.04 -5.25 -13.59
CA GLU B 167 3.60 -5.25 -13.64
C GLU B 167 3.28 -4.50 -14.93
N PRO B 168 2.05 -4.65 -15.45
CA PRO B 168 1.00 -5.46 -14.85
C PRO B 168 0.49 -6.61 -15.71
N VAL B 169 -0.27 -7.50 -15.09
CA VAL B 169 -0.92 -8.60 -15.80
C VAL B 169 -2.38 -8.31 -15.53
N THR B 170 -3.28 -8.86 -16.33
CA THR B 170 -4.70 -8.66 -16.13
C THR B 170 -5.35 -10.04 -16.06
N VAL B 171 -6.41 -10.16 -15.27
CA VAL B 171 -7.03 -11.46 -15.12
C VAL B 171 -8.54 -11.37 -15.14
N SER B 172 -9.16 -12.21 -15.95
CA SER B 172 -10.62 -12.26 -16.01
C SER B 172 -10.97 -13.73 -15.95
N TRP B 173 -12.24 -14.03 -15.78
CA TRP B 173 -12.67 -15.43 -15.71
C TRP B 173 -13.70 -15.71 -16.76
N ASN B 174 -13.54 -16.81 -17.47
CA ASN B 174 -14.47 -17.19 -18.52
C ASN B 174 -14.62 -16.09 -19.54
N SER B 175 -13.51 -15.45 -19.87
CA SER B 175 -13.51 -14.40 -20.85
C SER B 175 -14.44 -13.24 -20.46
N GLY B 176 -14.60 -13.02 -19.16
CA GLY B 176 -15.45 -11.92 -18.70
C GLY B 176 -16.88 -12.27 -18.31
N ALA B 177 -17.37 -13.40 -18.80
CA ALA B 177 -18.74 -13.82 -18.51
C ALA B 177 -18.98 -14.10 -17.04
N LEU B 178 -17.93 -14.12 -16.23
CA LEU B 178 -18.11 -14.38 -14.80
C LEU B 178 -17.31 -13.35 -14.00
N THR B 179 -18.01 -12.37 -13.46
CA THR B 179 -17.38 -11.30 -12.69
C THR B 179 -17.71 -11.27 -11.21
N SER B 180 -18.65 -12.09 -10.73
CA SER B 180 -18.96 -12.02 -9.30
C SER B 180 -18.42 -13.23 -8.54
N GLY B 181 -17.87 -12.96 -7.36
CA GLY B 181 -17.31 -14.03 -6.55
C GLY B 181 -15.81 -13.94 -6.70
N VAL B 182 -15.38 -13.34 -7.82
CA VAL B 182 -13.96 -13.15 -8.15
C VAL B 182 -13.22 -12.32 -7.13
N HIS B 183 -11.91 -12.32 -7.27
CA HIS B 183 -11.02 -11.58 -6.41
C HIS B 183 -9.70 -11.70 -7.14
N THR B 184 -9.05 -10.58 -7.38
CA THR B 184 -7.77 -10.60 -8.08
C THR B 184 -6.83 -9.80 -7.20
N PHE B 185 -6.34 -10.44 -6.15
CA PHE B 185 -5.44 -9.80 -5.19
C PHE B 185 -4.27 -9.02 -5.75
N PRO B 186 -3.75 -8.10 -4.94
CA PRO B 186 -2.61 -7.25 -5.31
C PRO B 186 -1.37 -8.14 -5.39
N ALA B 187 -0.63 -8.04 -6.47
CA ALA B 187 0.56 -8.87 -6.60
C ALA B 187 1.57 -8.49 -5.53
N VAL B 188 2.43 -9.43 -5.19
CA VAL B 188 3.48 -9.16 -4.21
C VAL B 188 4.81 -9.26 -4.96
N LEU B 189 5.77 -8.41 -4.60
CA LEU B 189 7.08 -8.47 -5.21
C LEU B 189 7.90 -9.41 -4.32
N GLN B 190 8.23 -10.58 -4.85
CA GLN B 190 8.98 -11.60 -4.10
C GLN B 190 10.45 -11.22 -3.94
N SER B 191 11.17 -12.01 -3.15
CA SER B 191 12.60 -11.76 -2.90
C SER B 191 13.39 -11.91 -4.19
N SER B 192 12.88 -12.73 -5.09
CA SER B 192 13.55 -12.97 -6.37
C SER B 192 13.46 -11.77 -7.30
N GLY B 193 12.68 -10.76 -6.91
CA GLY B 193 12.55 -9.59 -7.74
C GLY B 193 11.41 -9.74 -8.72
N LEU B 194 10.79 -10.92 -8.76
CA LEU B 194 9.67 -11.19 -9.66
C LEU B 194 8.36 -11.01 -8.91
N TYR B 195 7.29 -10.89 -9.68
CA TYR B 195 5.97 -10.72 -9.11
C TYR B 195 5.19 -12.01 -9.07
N SER B 196 4.17 -12.03 -8.21
CA SER B 196 3.31 -13.18 -8.03
C SER B 196 1.96 -12.76 -7.41
N LEU B 197 0.87 -13.05 -8.13
CA LEU B 197 -0.48 -12.72 -7.64
C LEU B 197 -1.47 -13.85 -7.91
N SER B 198 -2.51 -13.90 -7.09
CA SER B 198 -3.53 -14.92 -7.21
C SER B 198 -4.87 -14.29 -7.55
N SER B 199 -5.71 -15.03 -8.26
CA SER B 199 -7.06 -14.57 -8.64
C SER B 199 -8.00 -15.74 -8.36
N VAL B 200 -8.86 -15.56 -7.36
CA VAL B 200 -9.80 -16.56 -6.91
C VAL B 200 -11.24 -16.16 -7.20
N VAL B 201 -12.08 -17.13 -7.50
CA VAL B 201 -13.48 -16.84 -7.73
C VAL B 201 -14.27 -17.82 -6.86
N THR B 202 -15.28 -17.33 -6.17
CA THR B 202 -16.10 -18.20 -5.32
C THR B 202 -17.45 -18.54 -5.94
N VAL B 203 -17.59 -19.80 -6.33
CA VAL B 203 -18.82 -20.26 -6.92
C VAL B 203 -19.41 -21.17 -5.86
N PRO B 204 -20.63 -21.67 -6.08
CA PRO B 204 -21.31 -22.59 -5.15
C PRO B 204 -21.22 -23.99 -5.79
N SER B 205 -20.62 -24.93 -5.05
CA SER B 205 -20.38 -26.31 -5.50
C SER B 205 -21.10 -26.75 -6.76
N SER B 206 -22.23 -27.44 -6.57
CA SER B 206 -23.05 -27.96 -7.68
C SER B 206 -22.42 -27.72 -9.06
N SER B 207 -22.41 -26.47 -9.48
CA SER B 207 -21.83 -26.10 -10.78
C SER B 207 -20.44 -26.73 -11.01
N LEU B 208 -19.73 -27.03 -9.92
CA LEU B 208 -18.39 -27.60 -10.01
C LEU B 208 -18.18 -28.75 -11.01
N GLY B 209 -19.19 -29.57 -11.23
CA GLY B 209 -19.03 -30.67 -12.17
C GLY B 209 -19.73 -30.42 -13.50
N THR B 210 -20.52 -29.35 -13.54
CA THR B 210 -21.26 -28.97 -14.74
C THR B 210 -20.78 -27.66 -15.35
N GLN B 211 -20.31 -26.73 -14.51
CA GLN B 211 -19.81 -25.45 -14.98
C GLN B 211 -18.32 -25.56 -15.25
N THR B 212 -17.77 -24.68 -16.08
CA THR B 212 -16.33 -24.71 -16.37
C THR B 212 -15.70 -23.37 -15.96
N TYR B 213 -14.50 -23.42 -15.39
CA TYR B 213 -13.82 -22.23 -14.91
C TYR B 213 -12.43 -21.97 -15.47
N THR B 214 -12.28 -20.93 -16.29
CA THR B 214 -10.99 -20.64 -16.87
C THR B 214 -10.60 -19.20 -16.67
N CYS B 215 -9.39 -18.97 -16.16
CA CYS B 215 -8.90 -17.62 -15.94
C CYS B 215 -8.14 -17.21 -17.17
N ASN B 216 -8.39 -16.01 -17.68
CA ASN B 216 -7.70 -15.52 -18.87
C ASN B 216 -6.64 -14.55 -18.35
N VAL B 217 -5.38 -14.93 -18.51
CA VAL B 217 -4.26 -14.12 -18.02
C VAL B 217 -3.54 -13.38 -19.13
N ASN B 218 -3.32 -12.08 -18.93
CA ASN B 218 -2.63 -11.28 -19.96
C ASN B 218 -1.60 -10.31 -19.36
N HIS B 219 -0.33 -10.61 -19.58
CA HIS B 219 0.76 -9.77 -19.09
C HIS B 219 1.34 -9.01 -20.29
N LYS B 220 0.66 -7.93 -20.66
CA LYS B 220 1.06 -7.13 -21.81
C LYS B 220 2.55 -6.77 -21.95
N PRO B 221 3.23 -6.44 -20.83
CA PRO B 221 4.66 -6.07 -20.83
C PRO B 221 5.59 -7.11 -21.44
N SER B 222 5.12 -8.34 -21.62
CA SER B 222 5.97 -9.36 -22.21
C SER B 222 5.29 -10.15 -23.31
N ASN B 223 4.06 -9.77 -23.64
CA ASN B 223 3.30 -10.43 -24.71
C ASN B 223 2.78 -11.82 -24.41
N THR B 224 2.81 -12.19 -23.13
CA THR B 224 2.39 -13.51 -22.72
C THR B 224 0.96 -13.54 -22.18
N LYS B 225 0.02 -14.13 -22.93
CA LYS B 225 -1.35 -14.24 -22.43
C LYS B 225 -1.71 -15.71 -22.36
N VAL B 226 -2.38 -16.03 -21.27
CA VAL B 226 -2.67 -17.40 -20.89
C VAL B 226 -4.09 -17.81 -20.44
N ASP B 227 -4.79 -18.62 -21.22
CA ASP B 227 -6.10 -19.08 -20.77
C ASP B 227 -5.79 -20.40 -20.06
N LYS B 228 -6.15 -20.48 -18.79
CA LYS B 228 -5.84 -21.64 -17.97
C LYS B 228 -7.01 -22.04 -17.12
N ARG B 229 -7.68 -23.11 -17.51
CA ARG B 229 -8.85 -23.58 -16.79
C ARG B 229 -8.53 -24.23 -15.45
N VAL B 230 -9.56 -24.41 -14.65
CA VAL B 230 -9.38 -24.90 -13.31
C VAL B 230 -10.33 -25.94 -12.76
N GLU B 231 -9.83 -27.10 -12.33
CA GLU B 231 -10.70 -28.04 -11.64
C GLU B 231 -10.07 -29.14 -10.80
N PRO B 232 -10.86 -29.64 -9.83
CA PRO B 232 -10.56 -30.69 -8.86
C PRO B 232 -9.65 -31.80 -9.41
N LEU C 3 17.51 17.90 19.15
CA LEU C 3 17.56 18.86 17.99
C LEU C 3 17.25 20.32 17.49
N GLU C 4 16.99 20.19 16.20
CA GLU C 4 16.86 21.18 15.17
C GLU C 4 15.61 21.92 14.59
N LEU C 5 15.49 23.22 14.87
CA LEU C 5 14.33 23.95 14.34
C LEU C 5 14.16 24.24 12.80
N ASP C 6 12.94 24.66 12.47
CA ASP C 6 12.64 24.98 11.08
C ASP C 6 12.52 26.51 10.97
N LYS C 7 12.77 27.04 9.78
CA LYS C 7 12.70 28.48 9.51
C LYS C 7 11.69 29.28 10.31
N TRP C 8 10.42 28.95 10.13
CA TRP C 8 9.32 29.66 10.77
C TRP C 8 9.05 29.51 12.27
N ALA C 9 9.74 28.58 12.94
CA ALA C 9 9.57 28.38 14.38
C ALA C 9 9.72 29.73 15.11
#